data_5A6R
#
_entry.id   5A6R
#
_cell.length_a   285.743
_cell.length_b   285.743
_cell.length_c   285.743
_cell.angle_alpha   90.00
_cell.angle_beta   90.00
_cell.angle_gamma   90.00
#
_symmetry.space_group_name_H-M   'F 4 3 2'
#
loop_
_entity.id
_entity.type
_entity.pdbx_description
1 polymer 'BTB/POZ DOMAIN-CONTAINING PROTEIN KCTD17'
2 water water
#
_entity_poly.entity_id   1
_entity_poly.type   'polypeptide(L)'
_entity_poly.pdbx_seq_one_letter_code
;MHHHHHHSSGVDLGTENLYFQSMGAGGRAAGGWGKWVRLNVGGTVFLTTRQTLCREQKSFLSRLCQGEELQSDRDETGAY
LIDRDPTYFGPILNFLRHGKLVLDKDMAEEGVLEEAEFYNIGPLIRIIKDRMEEK
;
_entity_poly.pdbx_strand_id   A,B,C,D,E
#
# COMPACT_ATOMS: atom_id res chain seq x y z
N TRP A 33 -12.63 -9.98 25.71
CA TRP A 33 -12.44 -8.66 25.11
C TRP A 33 -11.33 -7.90 25.83
N GLY A 34 -11.05 -6.69 25.35
CA GLY A 34 -10.03 -5.84 25.94
C GLY A 34 -10.27 -4.38 25.58
N LYS A 35 -9.19 -3.61 25.53
CA LYS A 35 -9.29 -2.21 25.15
C LYS A 35 -9.08 -2.02 23.66
N TRP A 36 -8.51 -3.03 23.00
CA TRP A 36 -8.17 -2.94 21.59
C TRP A 36 -9.32 -3.36 20.68
N VAL A 37 -9.45 -2.66 19.56
CA VAL A 37 -10.54 -2.87 18.62
C VAL A 37 -10.01 -2.85 17.19
N ARG A 38 -10.48 -3.80 16.38
CA ARG A 38 -10.10 -3.88 14.98
C ARG A 38 -11.28 -3.52 14.09
N LEU A 39 -11.06 -2.62 13.14
CA LEU A 39 -12.11 -2.16 12.24
C LEU A 39 -11.77 -2.48 10.80
N ASN A 40 -12.53 -3.38 10.20
CA ASN A 40 -12.36 -3.71 8.79
C ASN A 40 -13.12 -2.72 7.92
N VAL A 41 -12.42 -1.69 7.46
CA VAL A 41 -13.03 -0.62 6.68
C VAL A 41 -12.79 -0.82 5.17
N GLY A 42 -13.76 -1.42 4.50
CA GLY A 42 -13.66 -1.63 3.07
C GLY A 42 -12.60 -2.63 2.66
N GLY A 43 -12.19 -3.48 3.59
CA GLY A 43 -11.20 -4.51 3.32
C GLY A 43 -9.87 -4.27 4.00
N THR A 44 -9.69 -3.08 4.56
CA THR A 44 -8.46 -2.75 5.29
C THR A 44 -8.76 -2.69 6.78
N VAL A 45 -7.93 -3.34 7.58
CA VAL A 45 -8.14 -3.44 9.02
C VAL A 45 -7.31 -2.40 9.78
N PHE A 46 -8.00 -1.58 10.56
CA PHE A 46 -7.37 -0.58 11.41
C PHE A 46 -7.38 -1.04 12.86
N LEU A 47 -6.25 -0.86 13.54
CA LEU A 47 -6.15 -1.19 14.96
C LEU A 47 -6.21 0.06 15.81
N THR A 48 -7.09 0.06 16.80
CA THR A 48 -7.22 1.19 17.70
C THR A 48 -7.84 0.73 19.01
N THR A 49 -8.22 1.70 19.86
CA THR A 49 -8.75 1.39 21.18
C THR A 49 -10.15 1.97 21.37
N ARG A 50 -10.83 1.49 22.41
CA ARG A 50 -12.16 1.98 22.73
C ARG A 50 -12.12 3.43 23.16
N GLN A 51 -11.11 3.79 23.93
CA GLN A 51 -10.94 5.16 24.40
C GLN A 51 -10.91 6.16 23.25
N THR A 52 -10.30 5.75 22.14
CA THR A 52 -10.15 6.62 20.99
C THR A 52 -11.47 6.78 20.23
N LEU A 53 -12.22 5.69 20.10
CA LEU A 53 -13.46 5.70 19.33
C LEU A 53 -14.59 6.36 20.10
N CYS A 54 -14.51 6.34 21.43
CA CYS A 54 -15.61 6.82 22.28
C CYS A 54 -15.39 8.22 22.82
N ARG A 55 -14.54 9.00 22.16
CA ARG A 55 -14.35 10.39 22.55
C ARG A 55 -15.59 11.22 22.19
N GLU A 56 -16.25 10.81 21.12
CA GLU A 56 -17.51 11.42 20.69
C GLU A 56 -18.65 10.45 20.98
N GLN A 57 -19.36 10.69 22.08
CA GLN A 57 -20.37 9.75 22.56
C GLN A 57 -21.48 9.49 21.54
N LYS A 58 -21.76 10.48 20.71
CA LYS A 58 -22.87 10.40 19.76
C LYS A 58 -22.41 9.98 18.37
N SER A 59 -21.12 9.69 18.23
CA SER A 59 -20.59 9.27 16.93
C SER A 59 -20.96 7.83 16.62
N PHE A 60 -20.93 7.49 15.33
CA PHE A 60 -21.23 6.15 14.87
C PHE A 60 -20.23 5.13 15.42
N LEU A 61 -18.99 5.57 15.59
CA LEU A 61 -17.93 4.67 16.05
C LEU A 61 -18.07 4.32 17.52
N SER A 62 -18.38 5.32 18.35
CA SER A 62 -18.58 5.08 19.77
C SER A 62 -19.79 4.18 19.98
N ARG A 63 -20.82 4.44 19.19
CA ARG A 63 -22.05 3.66 19.23
C ARG A 63 -21.78 2.23 18.77
N LEU A 64 -20.81 2.08 17.88
CA LEU A 64 -20.49 0.79 17.30
C LEU A 64 -19.80 -0.12 18.31
N CYS A 65 -18.70 0.36 18.89
CA CYS A 65 -17.90 -0.47 19.77
C CYS A 65 -18.48 -0.56 21.17
N GLN A 66 -19.63 0.09 21.40
CA GLN A 66 -20.36 -0.07 22.65
C GLN A 66 -21.53 -1.03 22.49
N GLY A 67 -21.65 -1.60 21.29
CA GLY A 67 -22.67 -2.59 21.01
C GLY A 67 -24.06 -2.02 20.85
N GLU A 68 -24.15 -0.69 20.74
CA GLU A 68 -25.44 -0.02 20.63
C GLU A 68 -25.86 0.16 19.18
N GLU A 69 -25.05 -0.35 18.25
CA GLU A 69 -25.41 -0.35 16.84
C GLU A 69 -26.18 -1.61 16.50
N LEU A 70 -27.36 -1.43 15.92
CA LEU A 70 -28.23 -2.55 15.54
C LEU A 70 -27.51 -3.51 14.62
N GLN A 71 -26.94 -2.98 13.55
CA GLN A 71 -26.22 -3.80 12.57
C GLN A 71 -24.75 -3.95 12.97
N SER A 72 -24.51 -4.72 14.03
CA SER A 72 -23.16 -4.98 14.50
C SER A 72 -22.63 -6.28 13.92
N ASP A 73 -22.01 -6.20 12.74
CA ASP A 73 -21.47 -7.36 12.06
C ASP A 73 -19.97 -7.47 12.26
N ARG A 74 -19.48 -8.68 12.43
CA ARG A 74 -18.07 -8.93 12.70
C ARG A 74 -17.59 -10.18 11.97
N ASP A 75 -16.37 -10.15 11.46
CA ASP A 75 -15.80 -11.31 10.79
C ASP A 75 -15.24 -12.29 11.81
N GLU A 76 -14.66 -13.39 11.33
CA GLU A 76 -14.14 -14.43 12.21
C GLU A 76 -13.05 -13.91 13.13
N THR A 77 -12.32 -12.89 12.68
CA THR A 77 -11.23 -12.33 13.47
C THR A 77 -11.73 -11.32 14.50
N GLY A 78 -13.04 -11.06 14.49
CA GLY A 78 -13.66 -10.19 15.46
C GLY A 78 -13.65 -8.72 15.05
N ALA A 79 -13.22 -8.44 13.83
CA ALA A 79 -13.14 -7.07 13.35
C ALA A 79 -14.48 -6.55 12.89
N TYR A 80 -14.81 -5.33 13.27
CA TYR A 80 -16.06 -4.69 12.86
C TYR A 80 -16.03 -4.35 11.37
N LEU A 81 -17.09 -4.70 10.66
CA LEU A 81 -17.16 -4.49 9.22
C LEU A 81 -17.83 -3.17 8.87
N ILE A 82 -17.17 -2.37 8.03
CA ILE A 82 -17.67 -1.06 7.65
C ILE A 82 -17.57 -0.89 6.14
N ASP A 83 -18.71 -0.66 5.49
CA ASP A 83 -18.76 -0.51 4.04
C ASP A 83 -18.39 0.90 3.64
N ARG A 84 -17.17 1.31 3.96
CA ARG A 84 -16.67 2.64 3.61
C ARG A 84 -15.24 2.53 3.13
N ASP A 85 -14.76 3.58 2.47
CA ASP A 85 -13.42 3.56 1.90
C ASP A 85 -12.35 3.82 2.97
N PRO A 86 -11.32 2.96 3.05
CA PRO A 86 -10.29 3.13 4.07
C PRO A 86 -9.28 4.23 3.77
N THR A 87 -9.25 4.73 2.54
CA THR A 87 -8.27 5.74 2.16
C THR A 87 -8.42 7.00 3.01
N TYR A 88 -9.67 7.37 3.28
CA TYR A 88 -9.96 8.62 3.96
C TYR A 88 -10.29 8.42 5.43
N PHE A 89 -10.06 7.22 5.94
CA PHE A 89 -10.40 6.89 7.32
C PHE A 89 -9.26 7.24 8.28
N GLY A 90 -8.03 7.21 7.80
CA GLY A 90 -6.88 7.50 8.63
C GLY A 90 -6.98 8.82 9.36
N PRO A 91 -7.20 9.92 8.61
CA PRO A 91 -7.36 11.25 9.19
C PRO A 91 -8.49 11.33 10.20
N ILE A 92 -9.61 10.68 9.90
CA ILE A 92 -10.74 10.62 10.81
C ILE A 92 -10.28 10.02 12.14
N LEU A 93 -9.54 8.93 12.05
CA LEU A 93 -9.11 8.19 13.23
C LEU A 93 -8.05 8.97 13.99
N ASN A 94 -7.26 9.77 13.27
CA ASN A 94 -6.25 10.60 13.89
C ASN A 94 -6.83 11.77 14.65
N PHE A 95 -7.92 12.32 14.14
CA PHE A 95 -8.62 13.38 14.84
C PHE A 95 -9.11 12.86 16.17
N LEU A 96 -9.64 11.64 16.17
CA LEU A 96 -10.11 11.01 17.39
C LEU A 96 -8.94 10.71 18.33
N ARG A 97 -7.72 10.69 17.81
CA ARG A 97 -6.55 10.41 18.62
C ARG A 97 -5.99 11.68 19.28
N HIS A 98 -5.70 12.69 18.46
CA HIS A 98 -5.03 13.90 18.94
C HIS A 98 -5.83 15.17 18.68
N GLY A 99 -7.05 15.02 18.18
CA GLY A 99 -7.96 16.16 18.07
C GLY A 99 -7.69 17.11 16.92
N LYS A 100 -6.60 16.89 16.19
CA LYS A 100 -6.24 17.77 15.08
C LYS A 100 -6.59 17.17 13.72
N LEU A 101 -6.74 18.03 12.73
CA LEU A 101 -6.96 17.61 11.35
C LEU A 101 -5.68 17.72 10.54
N VAL A 102 -5.17 16.59 10.09
CA VAL A 102 -3.94 16.55 9.31
C VAL A 102 -4.17 15.77 8.02
N LEU A 103 -3.89 16.43 6.90
CA LEU A 103 -4.02 15.81 5.59
C LEU A 103 -2.71 15.90 4.80
N ASP A 104 -2.44 14.88 3.99
CA ASP A 104 -1.35 14.94 3.04
C ASP A 104 -1.80 15.81 1.87
N LYS A 105 -0.83 16.24 1.06
CA LYS A 105 -1.10 17.25 0.05
C LYS A 105 -2.03 16.78 -1.07
N ASP A 106 -1.92 15.51 -1.46
CA ASP A 106 -2.66 15.00 -2.61
C ASP A 106 -4.05 14.49 -2.25
N MET A 107 -4.34 14.38 -0.96
CA MET A 107 -5.61 13.82 -0.50
C MET A 107 -6.76 14.81 -0.62
N ALA A 108 -7.86 14.36 -1.19
CA ALA A 108 -9.03 15.21 -1.41
C ALA A 108 -9.78 15.48 -0.11
N GLU A 109 -10.02 16.76 0.16
CA GLU A 109 -10.72 17.16 1.37
C GLU A 109 -12.20 16.77 1.30
N GLU A 110 -12.70 16.57 0.10
CA GLU A 110 -14.10 16.19 -0.10
C GLU A 110 -14.34 14.77 0.38
N GLY A 111 -13.35 13.91 0.16
CA GLY A 111 -13.44 12.52 0.57
C GLY A 111 -13.48 12.34 2.07
N VAL A 112 -12.67 13.14 2.76
CA VAL A 112 -12.65 13.11 4.22
C VAL A 112 -13.96 13.61 4.77
N LEU A 113 -14.55 14.60 4.11
CA LEU A 113 -15.80 15.20 4.56
C LEU A 113 -16.94 14.20 4.51
N GLU A 114 -17.03 13.46 3.40
CA GLU A 114 -18.08 12.46 3.24
C GLU A 114 -18.01 11.39 4.33
N GLU A 115 -16.79 11.09 4.77
CA GLU A 115 -16.59 10.10 5.81
C GLU A 115 -16.93 10.69 7.18
N ALA A 116 -16.47 11.91 7.44
CA ALA A 116 -16.76 12.59 8.69
C ALA A 116 -18.26 12.74 8.88
N GLU A 117 -18.98 12.98 7.78
CA GLU A 117 -20.44 13.06 7.82
C GLU A 117 -21.05 11.70 8.13
N PHE A 118 -20.50 10.65 7.54
CA PHE A 118 -21.02 9.30 7.75
C PHE A 118 -20.82 8.85 9.18
N TYR A 119 -19.60 9.02 9.70
CA TYR A 119 -19.29 8.58 11.05
C TYR A 119 -19.87 9.53 12.09
N ASN A 120 -20.39 10.66 11.62
CA ASN A 120 -21.08 11.62 12.47
C ASN A 120 -20.22 12.20 13.58
N ILE A 121 -19.10 12.81 13.21
CA ILE A 121 -18.28 13.55 14.15
C ILE A 121 -18.46 15.04 13.88
N GLY A 122 -19.30 15.68 14.71
CA GLY A 122 -19.63 17.09 14.52
C GLY A 122 -18.44 18.02 14.43
N PRO A 123 -17.61 18.05 15.47
CA PRO A 123 -16.45 18.95 15.54
C PRO A 123 -15.55 18.83 14.32
N LEU A 124 -15.41 17.63 13.81
CA LEU A 124 -14.55 17.39 12.67
C LEU A 124 -15.16 17.90 11.38
N ILE A 125 -16.44 17.62 11.18
CA ILE A 125 -17.18 18.11 10.02
C ILE A 125 -17.05 19.63 9.92
N ARG A 126 -17.19 20.30 11.07
CA ARG A 126 -17.10 21.75 11.13
C ARG A 126 -15.71 22.22 10.71
N ILE A 127 -14.68 21.63 11.31
CA ILE A 127 -13.31 22.00 11.00
C ILE A 127 -12.99 21.82 9.52
N ILE A 128 -13.47 20.72 8.95
CA ILE A 128 -13.25 20.46 7.53
C ILE A 128 -13.96 21.51 6.69
N LYS A 129 -15.22 21.79 7.03
CA LYS A 129 -16.01 22.78 6.31
C LYS A 129 -15.35 24.14 6.39
N ASP A 130 -14.92 24.53 7.58
CA ASP A 130 -14.27 25.81 7.79
C ASP A 130 -12.98 25.92 6.98
N ARG A 131 -12.41 24.77 6.62
CA ARG A 131 -11.17 24.73 5.86
C ARG A 131 -11.43 24.78 4.36
N MET A 132 -12.69 24.73 3.97
CA MET A 132 -13.07 24.62 2.56
C MET A 132 -13.78 25.86 2.01
N GLU A 133 -13.60 27.01 2.66
CA GLU A 133 -14.06 28.28 2.09
C GLU A 133 -12.87 29.09 1.57
N GLU A 134 -11.72 28.92 2.21
CA GLU A 134 -10.51 29.65 1.84
C GLU A 134 -9.26 28.85 2.23
N TRP B 33 -25.12 -16.05 1.38
CA TRP B 33 -26.32 -15.94 2.21
C TRP B 33 -26.13 -14.90 3.30
N GLY B 34 -25.86 -13.66 2.89
CA GLY B 34 -25.64 -12.58 3.83
C GLY B 34 -25.71 -11.19 3.20
N LYS B 35 -25.16 -10.22 3.92
CA LYS B 35 -25.20 -8.82 3.52
C LYS B 35 -23.92 -8.39 2.81
N TRP B 36 -22.82 -9.00 3.22
CA TRP B 36 -21.49 -8.54 2.78
C TRP B 36 -20.96 -9.29 1.57
N VAL B 37 -20.27 -8.54 0.72
CA VAL B 37 -19.69 -9.07 -0.51
C VAL B 37 -18.21 -8.72 -0.58
N ARG B 38 -17.38 -9.71 -0.93
CA ARG B 38 -15.95 -9.50 -1.09
C ARG B 38 -15.58 -9.59 -2.55
N LEU B 39 -14.85 -8.58 -3.03
CA LEU B 39 -14.47 -8.49 -4.44
C LEU B 39 -12.95 -8.48 -4.62
N ASN B 40 -12.42 -9.54 -5.19
CA ASN B 40 -11.00 -9.59 -5.50
C ASN B 40 -10.74 -8.94 -6.86
N VAL B 41 -10.31 -7.68 -6.82
CA VAL B 41 -10.05 -6.92 -8.03
C VAL B 41 -8.55 -6.87 -8.28
N GLY B 42 -8.10 -7.62 -9.29
CA GLY B 42 -6.70 -7.63 -9.67
C GLY B 42 -5.76 -8.07 -8.55
N GLY B 43 -6.31 -8.78 -7.57
CA GLY B 43 -5.51 -9.29 -6.46
C GLY B 43 -5.74 -8.56 -5.15
N THR B 44 -6.49 -7.47 -5.21
CA THR B 44 -6.82 -6.67 -4.02
C THR B 44 -8.29 -6.85 -3.67
N VAL B 45 -8.54 -7.28 -2.44
CA VAL B 45 -9.89 -7.61 -2.00
C VAL B 45 -10.60 -6.39 -1.39
N PHE B 46 -11.75 -6.06 -1.96
CA PHE B 46 -12.60 -4.98 -1.45
C PHE B 46 -13.80 -5.54 -0.71
N LEU B 47 -14.10 -4.96 0.45
CA LEU B 47 -15.26 -5.36 1.23
C LEU B 47 -16.39 -4.34 1.07
N THR B 48 -17.57 -4.83 0.68
CA THR B 48 -18.72 -3.97 0.51
C THR B 48 -20.00 -4.77 0.75
N THR B 49 -21.15 -4.17 0.44
CA THR B 49 -22.45 -4.79 0.66
C THR B 49 -23.26 -4.89 -0.63
N ARG B 50 -24.26 -5.74 -0.60
CA ARG B 50 -25.13 -5.95 -1.75
C ARG B 50 -25.87 -4.66 -2.11
N GLN B 51 -26.29 -3.93 -1.09
CA GLN B 51 -27.01 -2.68 -1.26
C GLN B 51 -26.21 -1.69 -2.10
N THR B 52 -24.91 -1.64 -1.86
CA THR B 52 -24.01 -0.73 -2.57
C THR B 52 -23.87 -1.13 -4.03
N LEU B 53 -23.72 -2.42 -4.27
CA LEU B 53 -23.44 -2.92 -5.61
C LEU B 53 -24.68 -2.93 -6.51
N CYS B 54 -25.85 -3.13 -5.91
CA CYS B 54 -27.10 -3.19 -6.66
C CYS B 54 -27.78 -1.84 -6.80
N ARG B 55 -26.99 -0.78 -6.65
CA ARG B 55 -27.52 0.57 -6.70
C ARG B 55 -28.02 0.94 -8.09
N GLU B 56 -27.46 0.29 -9.11
CA GLU B 56 -27.71 0.67 -10.50
C GLU B 56 -28.61 -0.31 -11.25
N GLN B 57 -28.46 -1.60 -10.94
CA GLN B 57 -29.18 -2.70 -11.61
C GLN B 57 -28.69 -2.95 -13.04
N LYS B 58 -28.34 -1.89 -13.76
CA LYS B 58 -27.83 -2.03 -15.12
C LYS B 58 -26.34 -2.32 -15.12
N SER B 59 -25.69 -2.16 -13.97
CA SER B 59 -24.25 -2.30 -13.87
C SER B 59 -23.81 -3.77 -13.88
N PHE B 60 -22.56 -3.99 -14.27
CA PHE B 60 -21.96 -5.31 -14.24
C PHE B 60 -21.90 -5.85 -12.81
N LEU B 61 -21.71 -4.95 -11.85
CA LEU B 61 -21.59 -5.33 -10.46
C LEU B 61 -22.92 -5.81 -9.88
N SER B 62 -24.01 -5.21 -10.33
CA SER B 62 -25.33 -5.61 -9.85
C SER B 62 -25.66 -7.01 -10.34
N ARG B 63 -25.46 -7.24 -11.64
CA ARG B 63 -25.70 -8.55 -12.22
C ARG B 63 -24.77 -9.59 -11.60
N LEU B 64 -23.60 -9.14 -11.16
CA LEU B 64 -22.61 -10.05 -10.60
C LEU B 64 -23.04 -10.62 -9.26
N CYS B 65 -23.36 -9.74 -8.31
CA CYS B 65 -23.66 -10.17 -6.95
C CYS B 65 -25.10 -10.64 -6.80
N GLN B 66 -25.86 -10.63 -7.89
CA GLN B 66 -27.21 -11.21 -7.91
C GLN B 66 -27.20 -12.58 -8.59
N GLY B 67 -26.02 -13.04 -8.98
CA GLY B 67 -25.86 -14.38 -9.52
C GLY B 67 -26.33 -14.53 -10.95
N GLU B 68 -26.60 -13.41 -11.62
CA GLU B 68 -27.11 -13.44 -12.99
C GLU B 68 -25.99 -13.38 -14.02
N GLU B 69 -24.75 -13.53 -13.56
CA GLU B 69 -23.59 -13.55 -14.45
C GLU B 69 -23.25 -14.98 -14.83
N LEU B 70 -23.14 -15.23 -16.13
CA LEU B 70 -22.82 -16.56 -16.63
C LEU B 70 -21.44 -17.00 -16.13
N GLN B 71 -20.44 -16.14 -16.36
CA GLN B 71 -19.09 -16.40 -15.91
C GLN B 71 -18.89 -15.94 -14.47
N SER B 72 -19.46 -16.71 -13.53
CA SER B 72 -19.37 -16.39 -12.11
C SER B 72 -18.28 -17.21 -11.44
N ASP B 73 -17.09 -16.63 -11.31
CA ASP B 73 -15.96 -17.29 -10.68
C ASP B 73 -15.64 -16.68 -9.33
N ARG B 74 -15.31 -17.53 -8.36
CA ARG B 74 -15.00 -17.09 -7.01
C ARG B 74 -13.83 -17.89 -6.45
N ASP B 75 -13.01 -17.25 -5.63
CA ASP B 75 -11.86 -17.93 -5.03
C ASP B 75 -12.31 -18.77 -3.83
N GLU B 76 -11.34 -19.29 -3.08
CA GLU B 76 -11.63 -20.14 -1.93
C GLU B 76 -12.39 -19.39 -0.85
N THR B 77 -12.14 -18.09 -0.73
CA THR B 77 -12.75 -17.28 0.32
C THR B 77 -14.15 -16.82 -0.07
N GLY B 78 -14.59 -17.17 -1.27
CA GLY B 78 -15.90 -16.80 -1.76
C GLY B 78 -15.95 -15.42 -2.37
N ALA B 79 -14.78 -14.84 -2.62
CA ALA B 79 -14.69 -13.51 -3.20
C ALA B 79 -14.82 -13.58 -4.72
N TYR B 80 -15.62 -12.70 -5.29
CA TYR B 80 -15.77 -12.61 -6.73
C TYR B 80 -14.49 -12.09 -7.37
N LEU B 81 -14.04 -12.76 -8.42
CA LEU B 81 -12.79 -12.39 -9.09
C LEU B 81 -13.06 -11.47 -10.28
N ILE B 82 -12.25 -10.43 -10.39
CA ILE B 82 -12.40 -9.44 -11.45
C ILE B 82 -11.02 -9.10 -12.03
N ASP B 83 -10.90 -9.22 -13.35
CA ASP B 83 -9.65 -8.97 -14.03
C ASP B 83 -9.54 -7.50 -14.43
N ARG B 84 -9.50 -6.63 -13.42
CA ARG B 84 -9.35 -5.19 -13.63
C ARG B 84 -8.40 -4.59 -12.61
N ASP B 85 -8.07 -3.32 -12.78
CA ASP B 85 -7.11 -2.64 -11.91
C ASP B 85 -7.81 -2.16 -10.63
N PRO B 86 -7.30 -2.58 -9.46
CA PRO B 86 -7.92 -2.11 -8.21
C PRO B 86 -7.55 -0.66 -7.88
N THR B 87 -6.57 -0.11 -8.58
CA THR B 87 -6.11 1.24 -8.32
C THR B 87 -7.21 2.26 -8.54
N TYR B 88 -8.05 2.01 -9.54
CA TYR B 88 -9.07 2.97 -9.95
C TYR B 88 -10.48 2.50 -9.59
N PHE B 89 -10.57 1.50 -8.73
CA PHE B 89 -11.87 0.94 -8.35
C PHE B 89 -12.46 1.63 -7.12
N GLY B 90 -11.58 2.18 -6.29
CA GLY B 90 -12.02 2.86 -5.07
C GLY B 90 -13.07 3.92 -5.32
N PRO B 91 -12.76 4.89 -6.19
CA PRO B 91 -13.68 5.97 -6.54
C PRO B 91 -15.00 5.47 -7.12
N ILE B 92 -14.94 4.39 -7.88
CA ILE B 92 -16.14 3.78 -8.45
C ILE B 92 -17.03 3.28 -7.33
N LEU B 93 -16.42 2.60 -6.36
CA LEU B 93 -17.16 2.00 -5.26
C LEU B 93 -17.71 3.10 -4.35
N ASN B 94 -16.97 4.19 -4.23
CA ASN B 94 -17.42 5.32 -3.42
C ASN B 94 -18.62 6.03 -4.04
N PHE B 95 -18.68 6.05 -5.36
CA PHE B 95 -19.82 6.62 -6.04
C PHE B 95 -21.07 5.83 -5.72
N LEU B 96 -20.96 4.51 -5.77
CA LEU B 96 -22.08 3.63 -5.46
C LEU B 96 -22.51 3.79 -4.01
N ARG B 97 -21.64 4.34 -3.17
CA ARG B 97 -21.93 4.51 -1.75
C ARG B 97 -22.68 5.80 -1.47
N HIS B 98 -22.06 6.93 -1.81
CA HIS B 98 -22.63 8.25 -1.48
C HIS B 98 -23.00 9.06 -2.73
N GLY B 99 -22.88 8.47 -3.91
CA GLY B 99 -23.36 9.09 -5.12
C GLY B 99 -22.50 10.22 -5.66
N LYS B 100 -21.37 10.48 -5.01
CA LYS B 100 -20.49 11.58 -5.39
C LYS B 100 -19.16 11.08 -5.96
N LEU B 101 -18.52 11.92 -6.76
CA LEU B 101 -17.23 11.60 -7.37
C LEU B 101 -16.11 12.36 -6.68
N VAL B 102 -15.19 11.61 -6.07
CA VAL B 102 -14.06 12.20 -5.36
C VAL B 102 -12.75 11.55 -5.83
N LEU B 103 -11.82 12.37 -6.30
CA LEU B 103 -10.52 11.91 -6.75
C LEU B 103 -9.39 12.65 -6.07
N ASP B 104 -8.32 11.93 -5.75
CA ASP B 104 -7.11 12.55 -5.25
C ASP B 104 -6.43 13.30 -6.40
N LYS B 105 -5.53 14.22 -6.06
CA LYS B 105 -4.93 15.10 -7.05
C LYS B 105 -4.07 14.36 -8.05
N ASP B 106 -3.48 13.25 -7.62
CA ASP B 106 -2.49 12.54 -8.43
C ASP B 106 -3.10 11.45 -9.31
N MET B 107 -4.36 11.10 -9.07
CA MET B 107 -5.00 10.03 -9.80
C MET B 107 -5.40 10.47 -11.21
N ALA B 108 -5.14 9.61 -12.18
CA ALA B 108 -5.49 9.87 -13.56
C ALA B 108 -6.99 9.69 -13.80
N GLU B 109 -7.61 10.73 -14.36
CA GLU B 109 -9.05 10.70 -14.61
C GLU B 109 -9.39 9.74 -15.75
N GLU B 110 -8.41 9.44 -16.57
CA GLU B 110 -8.60 8.54 -17.71
C GLU B 110 -8.83 7.11 -17.22
N GLY B 111 -8.09 6.72 -16.18
CA GLY B 111 -8.20 5.38 -15.62
C GLY B 111 -9.56 5.15 -15.00
N VAL B 112 -10.05 6.13 -14.26
CA VAL B 112 -11.36 6.03 -13.64
C VAL B 112 -12.46 5.94 -14.70
N LEU B 113 -12.26 6.62 -15.81
CA LEU B 113 -13.20 6.59 -16.91
C LEU B 113 -13.26 5.21 -17.54
N GLU B 114 -12.08 4.61 -17.77
CA GLU B 114 -12.01 3.29 -18.38
C GLU B 114 -12.73 2.25 -17.53
N GLU B 115 -12.56 2.35 -16.22
CA GLU B 115 -13.20 1.42 -15.31
C GLU B 115 -14.71 1.66 -15.25
N ALA B 116 -15.10 2.93 -15.18
CA ALA B 116 -16.52 3.28 -15.14
C ALA B 116 -17.24 2.79 -16.38
N GLU B 117 -16.55 2.82 -17.51
CA GLU B 117 -17.11 2.33 -18.76
C GLU B 117 -17.22 0.81 -18.75
N PHE B 118 -16.23 0.14 -18.19
CA PHE B 118 -16.23 -1.32 -18.12
C PHE B 118 -17.37 -1.83 -17.25
N TYR B 119 -17.48 -1.31 -16.04
CA TYR B 119 -18.55 -1.71 -15.14
C TYR B 119 -19.89 -1.17 -15.62
N ASN B 120 -19.83 -0.26 -16.59
CA ASN B 120 -21.02 0.29 -17.22
C ASN B 120 -21.96 0.97 -16.21
N ILE B 121 -21.50 2.09 -15.67
CA ILE B 121 -22.31 2.90 -14.77
C ILE B 121 -22.59 4.22 -15.46
N GLY B 122 -23.76 4.31 -16.09
CA GLY B 122 -24.12 5.46 -16.91
C GLY B 122 -23.91 6.81 -16.26
N PRO B 123 -24.61 7.06 -15.14
CA PRO B 123 -24.55 8.35 -14.44
C PRO B 123 -23.12 8.77 -14.14
N LEU B 124 -22.30 7.84 -13.70
CA LEU B 124 -20.93 8.14 -13.32
C LEU B 124 -20.10 8.54 -14.54
N ILE B 125 -20.19 7.74 -15.59
CA ILE B 125 -19.47 8.02 -16.84
C ILE B 125 -19.72 9.45 -17.30
N ARG B 126 -20.97 9.89 -17.18
CA ARG B 126 -21.34 11.24 -17.59
C ARG B 126 -20.60 12.27 -16.74
N ILE B 127 -20.60 12.06 -15.42
CA ILE B 127 -19.97 12.99 -14.49
C ILE B 127 -18.46 13.10 -14.75
N ILE B 128 -17.82 11.99 -15.08
CA ILE B 128 -16.40 11.98 -15.37
C ILE B 128 -16.12 12.82 -16.60
N LYS B 129 -16.91 12.59 -17.65
CA LYS B 129 -16.77 13.34 -18.89
C LYS B 129 -16.97 14.83 -18.65
N ASP B 130 -17.87 15.17 -17.73
CA ASP B 130 -18.16 16.56 -17.41
C ASP B 130 -16.96 17.23 -16.75
N ARG B 131 -16.33 16.53 -15.81
CA ARG B 131 -15.19 17.09 -15.09
C ARG B 131 -13.99 17.24 -16.03
N MET B 132 -13.92 16.37 -17.03
CA MET B 132 -12.85 16.46 -18.03
C MET B 132 -13.19 17.56 -19.03
N GLU B 133 -13.17 18.80 -18.56
CA GLU B 133 -13.48 19.95 -19.39
C GLU B 133 -12.91 21.23 -18.79
N TRP C 33 -5.69 -24.67 -13.90
CA TRP C 33 -6.62 -25.35 -14.78
C TRP C 33 -7.65 -24.36 -15.32
N GLY C 34 -8.05 -23.40 -14.49
CA GLY C 34 -9.02 -22.40 -14.88
C GLY C 34 -8.42 -21.32 -15.75
N LYS C 35 -9.15 -20.24 -15.94
CA LYS C 35 -8.69 -19.13 -16.77
C LYS C 35 -7.89 -18.11 -15.97
N TRP C 36 -7.95 -18.22 -14.65
CA TRP C 36 -7.33 -17.23 -13.78
C TRP C 36 -5.86 -17.54 -13.49
N VAL C 37 -5.04 -16.50 -13.57
CA VAL C 37 -3.60 -16.61 -13.37
C VAL C 37 -3.13 -15.63 -12.30
N ARG C 38 -2.25 -16.08 -11.42
CA ARG C 38 -1.66 -15.24 -10.40
C ARG C 38 -0.17 -15.04 -10.69
N LEU C 39 0.27 -13.78 -10.68
CA LEU C 39 1.66 -13.45 -10.92
C LEU C 39 2.28 -12.80 -9.69
N ASN C 40 3.28 -13.45 -9.12
CA ASN C 40 4.03 -12.88 -8.00
C ASN C 40 5.18 -12.04 -8.52
N VAL C 41 4.94 -10.74 -8.64
CA VAL C 41 5.92 -9.83 -9.22
C VAL C 41 6.66 -9.08 -8.12
N GLY C 42 7.89 -9.50 -7.84
CA GLY C 42 8.70 -8.85 -6.85
C GLY C 42 8.13 -8.91 -5.45
N GLY C 43 7.20 -9.83 -5.22
CA GLY C 43 6.59 -10.01 -3.90
C GLY C 43 5.13 -9.61 -3.84
N THR C 44 4.64 -8.96 -4.89
CA THR C 44 3.25 -8.56 -4.96
C THR C 44 2.50 -9.45 -5.96
N VAL C 45 1.38 -9.99 -5.52
CA VAL C 45 0.61 -10.91 -6.34
C VAL C 45 -0.46 -10.19 -7.15
N PHE C 46 -0.34 -10.28 -8.46
CA PHE C 46 -1.33 -9.74 -9.39
C PHE C 46 -2.24 -10.85 -9.88
N LEU C 47 -3.55 -10.58 -9.92
CA LEU C 47 -4.52 -11.54 -10.44
C LEU C 47 -5.00 -11.11 -11.81
N THR C 48 -4.94 -12.04 -12.77
CA THR C 48 -5.42 -11.77 -14.10
C THR C 48 -5.83 -13.07 -14.78
N THR C 49 -6.10 -13.00 -16.09
CA THR C 49 -6.54 -14.15 -16.85
C THR C 49 -5.55 -14.48 -17.96
N ARG C 50 -5.69 -15.67 -18.53
CA ARG C 50 -4.82 -16.09 -19.62
C ARG C 50 -5.10 -15.28 -20.88
N GLN C 51 -6.36 -14.95 -21.11
CA GLN C 51 -6.75 -14.16 -22.27
C GLN C 51 -6.02 -12.82 -22.28
N THR C 52 -5.80 -12.25 -21.11
CA THR C 52 -5.13 -10.97 -20.97
C THR C 52 -3.65 -11.07 -21.30
N LEU C 53 -3.03 -12.15 -20.84
CA LEU C 53 -1.59 -12.32 -20.98
C LEU C 53 -1.18 -12.79 -22.37
N CYS C 54 -2.08 -13.49 -23.05
CA CYS C 54 -1.76 -14.11 -24.33
C CYS C 54 -2.24 -13.30 -25.54
N ARG C 55 -2.33 -11.99 -25.38
CA ARG C 55 -2.76 -11.13 -26.48
C ARG C 55 -1.65 -10.93 -27.51
N GLU C 56 -0.40 -11.08 -27.07
CA GLU C 56 0.75 -10.74 -27.91
C GLU C 56 1.42 -11.97 -28.52
N GLN C 57 1.30 -13.11 -27.85
CA GLN C 57 1.93 -14.37 -28.27
C GLN C 57 3.47 -14.33 -28.20
N LYS C 58 4.07 -13.21 -28.60
CA LYS C 58 5.52 -13.05 -28.54
C LYS C 58 5.98 -12.47 -27.20
N SER C 59 5.03 -12.06 -26.36
CA SER C 59 5.35 -11.46 -25.08
C SER C 59 5.87 -12.48 -24.09
N PHE C 60 6.65 -12.01 -23.12
CA PHE C 60 7.18 -12.85 -22.06
C PHE C 60 6.05 -13.50 -21.27
N LEU C 61 4.97 -12.74 -21.07
CA LEU C 61 3.86 -13.18 -20.24
C LEU C 61 3.06 -14.31 -20.90
N SER C 62 2.86 -14.20 -22.20
CA SER C 62 2.14 -15.24 -22.93
C SER C 62 2.93 -16.54 -22.93
N ARG C 63 4.23 -16.41 -23.16
CA ARG C 63 5.13 -17.55 -23.12
C ARG C 63 5.11 -18.21 -21.75
N LEU C 64 4.99 -17.38 -20.72
CA LEU C 64 5.06 -17.85 -19.34
C LEU C 64 3.86 -18.71 -18.98
N CYS C 65 2.67 -18.17 -19.18
CA CYS C 65 1.46 -18.83 -18.72
C CYS C 65 0.99 -19.93 -19.68
N GLN C 66 1.73 -20.11 -20.77
CA GLN C 66 1.46 -21.22 -21.69
C GLN C 66 2.43 -22.37 -21.46
N GLY C 67 3.22 -22.27 -20.40
CA GLY C 67 4.12 -23.34 -20.01
C GLY C 67 5.30 -23.53 -20.93
N GLU C 68 5.49 -22.60 -21.86
CA GLU C 68 6.59 -22.69 -22.82
C GLU C 68 7.86 -22.06 -22.27
N GLU C 69 7.88 -21.79 -20.96
CA GLU C 69 9.04 -21.21 -20.30
C GLU C 69 9.88 -22.31 -19.65
N LEU C 70 11.16 -22.33 -20.00
CA LEU C 70 12.10 -23.27 -19.39
C LEU C 70 12.18 -23.02 -17.89
N GLN C 71 12.43 -21.76 -17.53
CA GLN C 71 12.47 -21.35 -16.13
C GLN C 71 11.06 -21.05 -15.63
N SER C 72 10.25 -22.10 -15.48
CA SER C 72 8.89 -21.95 -14.99
C SER C 72 8.82 -22.16 -13.48
N ASP C 73 9.02 -21.08 -12.73
CA ASP C 73 9.04 -21.14 -11.27
C ASP C 73 7.72 -20.66 -10.69
N ARG C 74 7.17 -21.45 -9.77
CA ARG C 74 5.89 -21.14 -9.15
C ARG C 74 5.93 -21.50 -7.67
N ASP C 75 5.40 -20.63 -6.82
CA ASP C 75 5.37 -20.89 -5.39
C ASP C 75 4.31 -21.94 -5.05
N GLU C 76 4.12 -22.20 -3.75
CA GLU C 76 3.16 -23.20 -3.30
C GLU C 76 1.74 -22.85 -3.72
N THR C 77 1.45 -21.56 -3.78
CA THR C 77 0.10 -21.09 -4.11
C THR C 77 -0.14 -21.12 -5.61
N GLY C 78 0.89 -21.48 -6.38
CA GLY C 78 0.78 -21.64 -7.81
C GLY C 78 1.02 -20.36 -8.60
N ALA C 79 1.50 -19.33 -7.93
CA ALA C 79 1.73 -18.04 -8.57
C ALA C 79 3.10 -18.00 -9.22
N TYR C 80 3.14 -17.51 -10.45
CA TYR C 80 4.39 -17.40 -11.18
C TYR C 80 5.28 -16.30 -10.60
N LEU C 81 6.54 -16.64 -10.35
CA LEU C 81 7.48 -15.71 -9.75
C LEU C 81 8.22 -14.89 -10.80
N ILE C 82 8.26 -13.58 -10.61
CA ILE C 82 8.91 -12.68 -11.55
C ILE C 82 9.78 -11.69 -10.78
N ASP C 83 11.04 -11.59 -11.18
CA ASP C 83 12.01 -10.74 -10.49
C ASP C 83 12.01 -9.33 -11.09
N ARG C 84 10.89 -8.64 -10.96
CA ARG C 84 10.74 -7.27 -11.45
C ARG C 84 9.96 -6.43 -10.46
N ASP C 85 9.98 -5.12 -10.63
CA ASP C 85 9.29 -4.24 -9.71
C ASP C 85 7.79 -4.23 -10.00
N PRO C 86 6.95 -4.45 -8.97
CA PRO C 86 5.50 -4.46 -9.20
C PRO C 86 4.87 -3.07 -9.30
N THR C 87 5.57 -2.04 -8.87
CA THR C 87 5.00 -0.70 -8.85
C THR C 87 4.74 -0.20 -10.27
N TYR C 88 5.56 -0.65 -11.21
CA TYR C 88 5.43 -0.22 -12.60
C TYR C 88 4.74 -1.25 -13.47
N PHE C 89 4.29 -2.35 -12.86
CA PHE C 89 3.69 -3.44 -13.62
C PHE C 89 2.19 -3.22 -13.86
N GLY C 90 1.57 -2.41 -13.02
CA GLY C 90 0.15 -2.12 -13.15
C GLY C 90 -0.24 -1.62 -14.52
N PRO C 91 0.41 -0.53 -14.97
CA PRO C 91 0.18 0.05 -16.31
C PRO C 91 0.35 -0.93 -17.46
N ILE C 92 1.34 -1.82 -17.38
CA ILE C 92 1.55 -2.82 -18.41
C ILE C 92 0.34 -3.73 -18.47
N LEU C 93 -0.10 -4.19 -17.30
CA LEU C 93 -1.21 -5.13 -17.21
C LEU C 93 -2.51 -4.48 -17.68
N ASN C 94 -2.63 -3.18 -17.44
CA ASN C 94 -3.80 -2.44 -17.89
C ASN C 94 -3.83 -2.27 -19.40
N PHE C 95 -2.66 -2.11 -20.00
CA PHE C 95 -2.58 -2.01 -21.45
C PHE C 95 -3.05 -3.31 -22.08
N LEU C 96 -2.64 -4.42 -21.49
CA LEU C 96 -3.05 -5.72 -22.00
C LEU C 96 -4.55 -5.94 -21.80
N ARG C 97 -5.15 -5.14 -20.92
CA ARG C 97 -6.59 -5.26 -20.65
C ARG C 97 -7.42 -4.46 -21.65
N HIS C 98 -7.19 -3.16 -21.71
CA HIS C 98 -8.00 -2.27 -22.54
C HIS C 98 -7.21 -1.57 -23.65
N GLY C 99 -5.95 -1.95 -23.83
CA GLY C 99 -5.17 -1.48 -24.96
C GLY C 99 -4.72 -0.03 -24.89
N LYS C 100 -4.99 0.63 -23.76
CA LYS C 100 -4.63 2.04 -23.59
C LYS C 100 -3.54 2.20 -22.53
N LEU C 101 -2.83 3.33 -22.60
CA LEU C 101 -1.80 3.67 -21.63
C LEU C 101 -2.30 4.73 -20.66
N VAL C 102 -2.30 4.40 -19.37
CA VAL C 102 -2.75 5.32 -18.34
C VAL C 102 -1.74 5.34 -17.20
N LEU C 103 -1.20 6.53 -16.92
CA LEU C 103 -0.23 6.72 -15.85
C LEU C 103 -0.70 7.77 -14.87
N ASP C 104 -0.44 7.54 -13.58
CA ASP C 104 -0.64 8.56 -12.57
C ASP C 104 0.41 9.63 -12.74
N LYS C 105 0.16 10.81 -12.16
CA LYS C 105 1.02 11.96 -12.40
C LYS C 105 2.41 11.81 -11.81
N ASP C 106 2.52 11.08 -10.72
CA ASP C 106 3.79 10.97 -10.00
C ASP C 106 4.66 9.82 -10.49
N MET C 107 4.08 8.92 -11.27
CA MET C 107 4.80 7.73 -11.70
C MET C 107 5.78 8.04 -12.82
N ALA C 108 7.01 7.54 -12.67
CA ALA C 108 8.06 7.78 -13.66
C ALA C 108 7.79 6.99 -14.93
N GLU C 109 7.77 7.69 -16.06
CA GLU C 109 7.55 7.07 -17.36
C GLU C 109 8.74 6.21 -17.76
N GLU C 110 9.90 6.49 -17.16
CA GLU C 110 11.10 5.72 -17.42
C GLU C 110 10.97 4.32 -16.84
N GLY C 111 10.34 4.22 -15.67
CA GLY C 111 10.14 2.94 -15.02
C GLY C 111 9.20 2.06 -15.79
N VAL C 112 8.11 2.62 -16.27
CA VAL C 112 7.15 1.88 -17.07
C VAL C 112 7.79 1.44 -18.37
N LEU C 113 8.63 2.31 -18.93
CA LEU C 113 9.32 2.01 -20.17
C LEU C 113 10.25 0.82 -20.00
N GLU C 114 11.02 0.84 -18.93
CA GLU C 114 12.01 -0.20 -18.67
C GLU C 114 11.34 -1.57 -18.54
N GLU C 115 10.15 -1.58 -17.95
CA GLU C 115 9.42 -2.83 -17.75
C GLU C 115 8.82 -3.34 -19.05
N ALA C 116 8.26 -2.41 -19.84
CA ALA C 116 7.69 -2.77 -21.13
C ALA C 116 8.75 -3.39 -22.02
N GLU C 117 9.98 -2.90 -21.92
CA GLU C 117 11.09 -3.44 -22.70
C GLU C 117 11.43 -4.86 -22.26
N PHE C 118 11.37 -5.10 -20.95
CA PHE C 118 11.66 -6.42 -20.41
C PHE C 118 10.63 -7.45 -20.87
N TYR C 119 9.36 -7.13 -20.65
CA TYR C 119 8.29 -8.03 -21.06
C TYR C 119 8.16 -8.06 -22.57
N ASN C 120 8.79 -7.10 -23.24
CA ASN C 120 8.87 -7.09 -24.70
C ASN C 120 7.50 -6.98 -25.35
N ILE C 121 6.85 -5.83 -25.15
CA ILE C 121 5.57 -5.53 -25.78
C ILE C 121 5.75 -4.38 -26.75
N GLY C 122 5.90 -4.73 -28.03
CA GLY C 122 6.21 -3.77 -29.07
C GLY C 122 5.29 -2.56 -29.13
N PRO C 123 3.99 -2.79 -29.34
CA PRO C 123 3.00 -1.71 -29.45
C PRO C 123 3.07 -0.74 -28.28
N LEU C 124 3.23 -1.27 -27.08
CA LEU C 124 3.25 -0.45 -25.87
C LEU C 124 4.49 0.44 -25.82
N ILE C 125 5.65 -0.16 -26.04
CA ILE C 125 6.92 0.57 -26.04
C ILE C 125 6.82 1.79 -26.95
N ARG C 126 6.19 1.61 -28.11
CA ARG C 126 6.01 2.70 -29.05
C ARG C 126 5.18 3.82 -28.42
N ILE C 127 4.06 3.43 -27.81
CA ILE C 127 3.16 4.38 -27.19
C ILE C 127 3.85 5.14 -26.06
N ILE C 128 4.69 4.45 -25.30
CA ILE C 128 5.40 5.08 -24.19
C ILE C 128 6.37 6.12 -24.71
N LYS C 129 7.17 5.73 -25.71
CA LYS C 129 8.17 6.63 -26.27
C LYS C 129 7.53 7.88 -26.88
N ASP C 130 6.40 7.69 -27.56
CA ASP C 130 5.66 8.81 -28.13
C ASP C 130 5.25 9.80 -27.04
N ARG C 131 4.86 9.27 -25.89
CA ARG C 131 4.42 10.08 -24.77
C ARG C 131 5.59 10.78 -24.10
N MET C 132 6.79 10.20 -24.26
CA MET C 132 8.00 10.77 -23.68
C MET C 132 8.63 11.80 -24.61
N GLU C 133 8.33 11.67 -25.90
CA GLU C 133 8.86 12.59 -26.91
C GLU C 133 8.05 13.87 -26.96
N GLU C 134 6.83 13.83 -26.43
CA GLU C 134 5.97 15.00 -26.39
C GLU C 134 6.54 16.08 -25.48
N TRP D 33 12.39 -12.41 22.94
CA TRP D 33 13.57 -13.13 23.39
C TRP D 33 14.65 -13.15 22.31
N GLY D 34 14.94 -11.98 21.75
CA GLY D 34 15.95 -11.90 20.71
C GLY D 34 16.35 -10.47 20.37
N LYS D 35 16.84 -10.30 19.15
CA LYS D 35 17.31 -9.01 18.66
C LYS D 35 16.17 -8.22 18.01
N TRP D 36 15.22 -8.95 17.43
CA TRP D 36 14.21 -8.35 16.58
C TRP D 36 12.91 -8.06 17.29
N VAL D 37 12.30 -6.92 16.94
CA VAL D 37 11.06 -6.46 17.54
C VAL D 37 10.05 -6.11 16.45
N ARG D 38 8.81 -6.55 16.64
CA ARG D 38 7.73 -6.24 15.72
C ARG D 38 6.75 -5.26 16.36
N LEU D 39 6.53 -4.14 15.68
CA LEU D 39 5.63 -3.11 16.18
C LEU D 39 4.37 -3.01 15.33
N ASN D 40 3.22 -3.30 15.92
CA ASN D 40 1.94 -3.13 15.25
C ASN D 40 1.39 -1.73 15.49
N VAL D 41 1.62 -0.85 14.51
CA VAL D 41 1.18 0.53 14.61
C VAL D 41 -0.09 0.74 13.80
N GLY D 42 -1.22 0.81 14.48
CA GLY D 42 -2.49 1.07 13.83
C GLY D 42 -2.88 0.00 12.83
N GLY D 43 -2.39 -1.22 13.02
CA GLY D 43 -2.72 -2.34 12.17
C GLY D 43 -1.65 -2.67 11.14
N THR D 44 -0.61 -1.86 11.09
CA THR D 44 0.52 -2.10 10.21
C THR D 44 1.74 -2.49 11.03
N VAL D 45 2.36 -3.61 10.66
CA VAL D 45 3.47 -4.15 11.42
C VAL D 45 4.81 -3.66 10.86
N PHE D 46 5.64 -3.11 11.74
CA PHE D 46 6.99 -2.69 11.39
C PHE D 46 8.02 -3.61 12.05
N LEU D 47 9.08 -3.93 11.31
CA LEU D 47 10.16 -4.77 11.83
C LEU D 47 11.42 -3.95 12.08
N THR D 48 11.95 -4.06 13.29
CA THR D 48 13.18 -3.36 13.66
C THR D 48 13.88 -4.10 14.80
N THR D 49 14.91 -3.48 15.36
CA THR D 49 15.71 -4.09 16.42
C THR D 49 15.71 -3.25 17.69
N ARG D 50 16.14 -3.86 18.79
CA ARG D 50 16.23 -3.18 20.07
C ARG D 50 17.24 -2.04 20.04
N GLN D 51 18.35 -2.26 19.33
CA GLN D 51 19.39 -1.25 19.21
C GLN D 51 18.84 0.04 18.62
N THR D 52 17.94 -0.09 17.66
CA THR D 52 17.35 1.06 16.99
C THR D 52 16.39 1.81 17.91
N LEU D 53 15.58 1.06 18.65
CA LEU D 53 14.53 1.66 19.48
C LEU D 53 15.08 2.26 20.77
N CYS D 54 16.20 1.75 21.24
CA CYS D 54 16.74 2.15 22.54
C CYS D 54 17.88 3.16 22.44
N ARG D 55 17.97 3.87 21.32
CA ARG D 55 18.96 4.94 21.17
C ARG D 55 18.59 6.11 22.07
N GLU D 56 17.29 6.32 22.26
CA GLU D 56 16.77 7.36 23.14
C GLU D 56 16.20 6.71 24.40
N GLN D 57 17.01 6.65 25.45
CA GLN D 57 16.64 5.96 26.68
C GLN D 57 15.37 6.53 27.31
N LYS D 58 15.07 7.79 27.02
CA LYS D 58 13.93 8.47 27.62
C LYS D 58 12.69 8.38 26.74
N SER D 59 12.80 7.75 25.58
CA SER D 59 11.69 7.67 24.64
C SER D 59 10.69 6.59 25.03
N PHE D 60 9.46 6.76 24.57
CA PHE D 60 8.39 5.81 24.84
C PHE D 60 8.70 4.43 24.26
N LEU D 61 9.39 4.42 23.12
CA LEU D 61 9.73 3.18 22.44
C LEU D 61 10.79 2.39 23.21
N SER D 62 11.70 3.11 23.87
CA SER D 62 12.77 2.47 24.61
C SER D 62 12.22 1.74 25.83
N ARG D 63 11.35 2.41 26.57
CA ARG D 63 10.74 1.82 27.76
C ARG D 63 9.79 0.69 27.38
N LEU D 64 9.25 0.76 26.17
CA LEU D 64 8.29 -0.23 25.71
C LEU D 64 8.95 -1.59 25.52
N CYS D 65 10.00 -1.64 24.71
CA CYS D 65 10.64 -2.90 24.36
C CYS D 65 11.59 -3.38 25.46
N GLN D 66 11.71 -2.60 26.52
CA GLN D 66 12.49 -3.01 27.69
C GLN D 66 11.57 -3.49 28.81
N GLY D 67 10.28 -3.59 28.51
CA GLY D 67 9.31 -4.15 29.45
C GLY D 67 8.99 -3.23 30.61
N GLU D 68 9.48 -2.00 30.56
CA GLU D 68 9.26 -1.05 31.64
C GLU D 68 7.97 -0.26 31.45
N GLU D 69 7.20 -0.60 30.42
CA GLU D 69 5.93 0.05 30.17
C GLU D 69 4.81 -0.70 30.89
N LEU D 70 4.06 0.02 31.71
CA LEU D 70 2.96 -0.58 32.47
C LEU D 70 1.96 -1.24 31.53
N GLN D 71 1.45 -0.48 30.57
CA GLN D 71 0.51 -0.99 29.59
C GLN D 71 1.25 -1.64 28.42
N SER D 72 1.83 -2.82 28.68
CA SER D 72 2.56 -3.56 27.65
C SER D 72 1.68 -4.66 27.06
N ASP D 73 1.02 -4.33 25.96
CA ASP D 73 0.10 -5.26 25.30
C ASP D 73 0.66 -5.74 23.96
N ARG D 74 0.49 -7.02 23.69
CA ARG D 74 0.99 -7.64 22.46
C ARG D 74 -0.05 -8.59 21.89
N ASP D 75 -0.09 -8.71 20.56
CA ASP D 75 -1.01 -9.63 19.91
C ASP D 75 -0.45 -11.05 19.92
N GLU D 76 -1.14 -11.96 19.24
CA GLU D 76 -0.74 -13.36 19.20
C GLU D 76 0.64 -13.53 18.57
N THR D 77 0.98 -12.65 17.64
CA THR D 77 2.24 -12.74 16.92
C THR D 77 3.40 -12.15 17.71
N GLY D 78 3.10 -11.62 18.89
CA GLY D 78 4.12 -11.08 19.78
C GLY D 78 4.49 -9.64 19.48
N ALA D 79 3.77 -9.01 18.55
CA ALA D 79 4.06 -7.64 18.16
C ALA D 79 3.44 -6.65 19.15
N TYR D 80 4.18 -5.60 19.47
CA TYR D 80 3.68 -4.55 20.35
C TYR D 80 2.61 -3.72 19.65
N LEU D 81 1.47 -3.54 20.32
CA LEU D 81 0.35 -2.80 19.75
C LEU D 81 0.45 -1.31 20.08
N ILE D 82 0.23 -0.47 19.07
CA ILE D 82 0.30 0.98 19.23
C ILE D 82 -0.86 1.66 18.52
N ASP D 83 -1.64 2.40 19.29
CA ASP D 83 -2.81 3.11 18.77
C ASP D 83 -2.40 4.45 18.15
N ARG D 84 -1.63 4.38 17.07
CA ARG D 84 -1.19 5.58 16.35
C ARG D 84 -1.23 5.32 14.85
N ASP D 85 -0.98 6.36 14.07
CA ASP D 85 -1.03 6.26 12.62
C ASP D 85 0.30 5.75 12.07
N PRO D 86 0.27 4.63 11.32
CA PRO D 86 1.53 4.09 10.80
C PRO D 86 2.12 4.87 9.64
N THR D 87 1.33 5.73 8.99
CA THR D 87 1.80 6.41 7.79
C THR D 87 2.92 7.39 8.12
N TYR D 88 2.88 7.97 9.31
CA TYR D 88 3.88 8.96 9.71
C TYR D 88 4.95 8.35 10.61
N PHE D 89 4.94 7.04 10.76
CA PHE D 89 5.88 6.37 11.66
C PHE D 89 7.20 6.04 11.00
N GLY D 90 7.19 5.84 9.68
CA GLY D 90 8.39 5.50 8.94
C GLY D 90 9.53 6.48 9.21
N PRO D 91 9.29 7.78 8.99
CA PRO D 91 10.28 8.82 9.25
C PRO D 91 10.77 8.85 10.69
N ILE D 92 9.87 8.57 11.63
CA ILE D 92 10.25 8.46 13.03
C ILE D 92 11.27 7.35 13.19
N LEU D 93 10.98 6.22 12.56
CA LEU D 93 11.80 5.03 12.71
C LEU D 93 13.12 5.18 11.96
N ASN D 94 13.10 5.93 10.87
CA ASN D 94 14.32 6.18 10.10
C ASN D 94 15.28 7.11 10.83
N PHE D 95 14.75 8.05 11.57
CA PHE D 95 15.58 8.93 12.37
C PHE D 95 16.32 8.12 13.42
N LEU D 96 15.62 7.14 14.01
CA LEU D 96 16.21 6.29 15.03
C LEU D 96 17.27 5.36 14.42
N ARG D 97 17.24 5.20 13.10
CA ARG D 97 18.19 4.35 12.41
C ARG D 97 19.47 5.08 12.04
N HIS D 98 19.34 6.16 11.28
CA HIS D 98 20.50 6.87 10.75
C HIS D 98 20.60 8.32 11.23
N GLY D 99 19.69 8.73 12.11
CA GLY D 99 19.79 10.02 12.76
C GLY D 99 19.37 11.21 11.92
N LYS D 100 19.00 10.97 10.67
CA LYS D 100 18.60 12.04 9.76
C LYS D 100 17.11 12.07 9.54
N LEU D 101 16.59 13.24 9.17
CA LEU D 101 15.16 13.40 8.86
C LEU D 101 14.95 13.48 7.36
N VAL D 102 14.17 12.54 6.84
CA VAL D 102 13.87 12.48 5.41
C VAL D 102 12.38 12.36 5.20
N LEU D 103 11.81 13.30 4.43
CA LEU D 103 10.39 13.28 4.12
C LEU D 103 10.16 13.37 2.61
N ASP D 104 9.14 12.67 2.14
CA ASP D 104 8.73 12.77 0.75
C ASP D 104 8.02 14.08 0.53
N LYS D 105 7.79 14.43 -0.74
CA LYS D 105 7.21 15.72 -1.08
C LYS D 105 5.76 15.85 -0.61
N ASP D 106 5.02 14.75 -0.64
CA ASP D 106 3.58 14.80 -0.38
C ASP D 106 3.21 14.62 1.09
N MET D 107 4.17 14.24 1.92
CA MET D 107 3.88 13.96 3.32
C MET D 107 3.83 15.23 4.16
N ALA D 108 2.86 15.29 5.06
CA ALA D 108 2.66 16.44 5.93
C ALA D 108 3.62 16.44 7.11
N GLU D 109 4.34 17.54 7.28
CA GLU D 109 5.31 17.66 8.37
C GLU D 109 4.59 17.73 9.72
N GLU D 110 3.35 18.20 9.70
CA GLU D 110 2.57 18.34 10.92
C GLU D 110 2.29 16.97 11.53
N GLY D 111 2.01 16.00 10.68
CA GLY D 111 1.73 14.64 11.12
C GLY D 111 2.94 14.01 11.76
N VAL D 112 4.09 14.17 11.12
CA VAL D 112 5.33 13.61 11.65
C VAL D 112 5.68 14.28 12.97
N LEU D 113 5.36 15.57 13.07
CA LEU D 113 5.60 16.31 14.30
C LEU D 113 4.74 15.79 15.43
N GLU D 114 3.47 15.55 15.13
CA GLU D 114 2.52 15.07 16.12
C GLU D 114 2.95 13.72 16.68
N GLU D 115 3.43 12.84 15.81
CA GLU D 115 3.86 11.52 16.21
C GLU D 115 5.17 11.59 16.99
N ALA D 116 6.11 12.38 16.49
CA ALA D 116 7.39 12.58 17.17
C ALA D 116 7.15 13.10 18.58
N GLU D 117 6.13 13.93 18.73
CA GLU D 117 5.76 14.45 20.04
C GLU D 117 5.19 13.36 20.93
N PHE D 118 4.40 12.47 20.34
CA PHE D 118 3.79 11.38 21.09
C PHE D 118 4.84 10.40 21.56
N TYR D 119 5.72 9.97 20.66
CA TYR D 119 6.78 9.04 21.01
C TYR D 119 7.86 9.77 21.81
N ASN D 120 7.82 11.09 21.77
CA ASN D 120 8.71 11.93 22.57
C ASN D 120 10.19 11.69 22.29
N ILE D 121 10.62 12.06 21.09
CA ILE D 121 12.04 12.04 20.72
C ILE D 121 12.51 13.48 20.59
N GLY D 122 13.22 13.95 21.62
CA GLY D 122 13.62 15.34 21.72
C GLY D 122 14.36 15.88 20.50
N PRO D 123 15.51 15.26 20.18
CA PRO D 123 16.35 15.71 19.06
C PRO D 123 15.57 15.85 17.77
N LEU D 124 14.62 14.94 17.55
CA LEU D 124 13.82 14.94 16.34
C LEU D 124 12.86 16.13 16.33
N ILE D 125 12.11 16.30 17.40
CA ILE D 125 11.15 17.39 17.52
C ILE D 125 11.80 18.73 17.20
N ARG D 126 13.03 18.93 17.67
CA ARG D 126 13.76 20.15 17.38
C ARG D 126 14.02 20.27 15.88
N ILE D 127 14.53 19.21 15.29
CA ILE D 127 14.84 19.18 13.86
C ILE D 127 13.61 19.53 13.03
N ILE D 128 12.46 18.97 13.39
CA ILE D 128 11.23 19.18 12.63
C ILE D 128 10.83 20.65 12.66
N LYS D 129 10.76 21.22 13.87
CA LYS D 129 10.31 22.59 14.03
C LYS D 129 11.28 23.58 13.37
N ASP D 130 12.57 23.27 13.43
CA ASP D 130 13.57 24.10 12.75
C ASP D 130 13.34 24.08 11.25
N ARG D 131 12.95 22.93 10.73
CA ARG D 131 12.69 22.77 9.30
C ARG D 131 11.39 23.45 8.89
N MET D 132 10.54 23.74 9.87
CA MET D 132 9.25 24.36 9.61
C MET D 132 9.39 25.88 9.45
N GLU D 133 10.60 26.40 9.67
CA GLU D 133 10.90 27.81 9.45
C GLU D 133 12.03 27.98 8.45
N TRP E 33 19.16 -22.43 -1.27
CA TRP E 33 17.90 -23.17 -1.37
C TRP E 33 17.15 -22.82 -2.65
N GLY E 34 17.90 -22.69 -3.74
CA GLY E 34 17.33 -22.40 -5.05
C GLY E 34 17.79 -21.08 -5.63
N LYS E 35 16.97 -20.54 -6.54
CA LYS E 35 17.29 -19.32 -7.27
C LYS E 35 16.73 -18.09 -6.58
N TRP E 36 15.60 -18.26 -5.91
CA TRP E 36 14.84 -17.13 -5.38
C TRP E 36 15.20 -16.79 -3.94
N VAL E 37 15.14 -15.50 -3.63
CA VAL E 37 15.49 -14.98 -2.32
C VAL E 37 14.41 -14.02 -1.84
N ARG E 38 14.01 -14.15 -0.58
CA ARG E 38 13.03 -13.25 0.01
C ARG E 38 13.70 -12.38 1.07
N LEU E 39 13.49 -11.07 0.95
CA LEU E 39 14.08 -10.11 1.88
C LEU E 39 13.01 -9.38 2.65
N ASN E 40 12.97 -9.61 3.96
CA ASN E 40 12.09 -8.85 4.82
C ASN E 40 12.76 -7.55 5.25
N VAL E 41 12.40 -6.47 4.56
CA VAL E 41 12.99 -5.16 4.82
C VAL E 41 12.02 -4.29 5.63
N GLY E 42 12.28 -4.17 6.93
CA GLY E 42 11.46 -3.34 7.79
C GLY E 42 10.04 -3.82 7.92
N GLY E 43 9.77 -5.06 7.50
CA GLY E 43 8.44 -5.64 7.59
C GLY E 43 7.79 -5.90 6.24
N THR E 44 8.39 -5.38 5.18
CA THR E 44 7.90 -5.59 3.82
C THR E 44 8.78 -6.58 3.08
N VAL E 45 8.18 -7.65 2.57
CA VAL E 45 8.93 -8.72 1.95
C VAL E 45 9.08 -8.49 0.45
N PHE E 46 10.34 -8.42 0.00
CA PHE E 46 10.66 -8.33 -1.41
C PHE E 46 11.10 -9.68 -1.94
N LEU E 47 10.69 -10.00 -3.17
CA LEU E 47 11.12 -11.23 -3.83
C LEU E 47 12.09 -10.93 -4.97
N THR E 48 13.23 -11.61 -4.96
CA THR E 48 14.24 -11.42 -5.98
C THR E 48 15.08 -12.69 -6.11
N THR E 49 16.15 -12.62 -6.89
CA THR E 49 16.99 -13.77 -7.17
C THR E 49 18.43 -13.55 -6.72
N ARG E 50 19.18 -14.63 -6.65
CA ARG E 50 20.58 -14.56 -6.25
C ARG E 50 21.42 -13.82 -7.28
N GLN E 51 21.08 -14.00 -8.55
CA GLN E 51 21.79 -13.34 -9.63
C GLN E 51 21.77 -11.82 -9.46
N THR E 52 20.62 -11.30 -9.04
CA THR E 52 20.44 -9.87 -8.87
C THR E 52 21.25 -9.31 -7.71
N LEU E 53 21.27 -10.05 -6.61
CA LEU E 53 21.91 -9.58 -5.39
C LEU E 53 23.44 -9.71 -5.43
N CYS E 54 23.93 -10.66 -6.21
CA CYS E 54 25.36 -10.94 -6.27
C CYS E 54 26.03 -10.24 -7.45
N ARG E 55 25.49 -9.10 -7.85
CA ARG E 55 26.07 -8.32 -8.93
C ARG E 55 27.36 -7.64 -8.50
N GLU E 56 27.50 -7.39 -7.21
CA GLU E 56 28.59 -6.59 -6.68
C GLU E 56 29.66 -7.42 -5.97
N GLN E 57 29.24 -8.52 -5.35
CA GLN E 57 30.12 -9.40 -4.56
C GLN E 57 30.67 -8.74 -3.30
N LYS E 58 31.01 -7.45 -3.37
CA LYS E 58 31.49 -6.72 -2.21
C LYS E 58 30.36 -6.01 -1.47
N SER E 59 29.15 -6.09 -2.02
CA SER E 59 28.00 -5.44 -1.40
C SER E 59 27.51 -6.22 -0.18
N PHE E 60 26.82 -5.52 0.70
CA PHE E 60 26.22 -6.14 1.88
C PHE E 60 25.21 -7.20 1.46
N LEU E 61 24.48 -6.93 0.39
CA LEU E 61 23.44 -7.83 -0.08
C LEU E 61 24.02 -9.13 -0.65
N SER E 62 25.19 -9.03 -1.26
CA SER E 62 25.82 -10.20 -1.86
C SER E 62 26.35 -11.12 -0.78
N ARG E 63 27.12 -10.56 0.16
CA ARG E 63 27.66 -11.33 1.27
C ARG E 63 26.54 -11.93 2.12
N LEU E 64 25.38 -11.29 2.09
CA LEU E 64 24.25 -11.75 2.88
C LEU E 64 23.69 -13.06 2.34
N CYS E 65 23.34 -13.08 1.06
CA CYS E 65 22.68 -14.24 0.48
C CYS E 65 23.68 -15.34 0.14
N GLN E 66 24.97 -15.06 0.30
CA GLN E 66 26.00 -16.08 0.12
C GLN E 66 26.41 -16.70 1.45
N GLY E 67 25.73 -16.30 2.52
CA GLY E 67 25.94 -16.87 3.83
C GLY E 67 27.24 -16.46 4.49
N GLU E 68 27.90 -15.44 3.95
CA GLU E 68 29.17 -14.97 4.48
C GLU E 68 28.99 -13.83 5.49
N GLU E 69 27.74 -13.51 5.79
CA GLU E 69 27.44 -12.46 6.76
C GLU E 69 27.34 -13.06 8.15
N LEU E 70 28.04 -12.46 9.12
CA LEU E 70 28.05 -12.97 10.48
C LEU E 70 26.65 -13.00 11.07
N GLN E 71 25.98 -11.86 11.07
CA GLN E 71 24.61 -11.77 11.56
C GLN E 71 23.63 -12.16 10.46
N SER E 72 23.48 -13.47 10.24
CA SER E 72 22.54 -13.98 9.25
C SER E 72 21.26 -14.46 9.93
N ASP E 73 20.30 -13.55 10.07
CA ASP E 73 19.04 -13.87 10.73
C ASP E 73 17.91 -14.01 9.71
N ARG E 74 17.09 -15.04 9.91
CA ARG E 74 16.00 -15.35 8.98
C ARG E 74 14.77 -15.77 9.76
N ASP E 75 13.60 -15.33 9.32
CA ASP E 75 12.34 -15.69 9.99
C ASP E 75 11.91 -17.11 9.64
N GLU E 76 10.72 -17.49 10.09
CA GLU E 76 10.19 -18.82 9.84
C GLU E 76 10.01 -19.10 8.36
N THR E 77 9.73 -18.05 7.59
CA THR E 77 9.48 -18.19 6.16
C THR E 77 10.77 -18.24 5.36
N GLY E 78 11.90 -18.12 6.05
CA GLY E 78 13.21 -18.19 5.43
C GLY E 78 13.68 -16.88 4.83
N ALA E 79 12.91 -15.82 5.06
CA ALA E 79 13.26 -14.51 4.54
C ALA E 79 14.35 -13.86 5.40
N TYR E 80 15.31 -13.23 4.74
CA TYR E 80 16.35 -12.49 5.45
C TYR E 80 15.78 -11.22 6.05
N LEU E 81 16.11 -10.96 7.32
CA LEU E 81 15.61 -9.79 8.02
C LEU E 81 16.57 -8.62 7.91
N ILE E 82 16.05 -7.45 7.55
CA ILE E 82 16.86 -6.25 7.43
C ILE E 82 16.16 -5.09 8.14
N ASP E 83 16.88 -4.44 9.05
CA ASP E 83 16.34 -3.32 9.81
C ASP E 83 16.57 -2.02 9.05
N ARG E 84 15.92 -1.91 7.89
CA ARG E 84 15.97 -0.70 7.08
C ARG E 84 14.59 -0.42 6.52
N ASP E 85 14.40 0.76 5.94
CA ASP E 85 13.10 1.18 5.44
C ASP E 85 12.83 0.61 4.05
N PRO E 86 11.67 -0.04 3.86
CA PRO E 86 11.35 -0.63 2.55
C PRO E 86 10.88 0.37 1.50
N THR E 87 10.51 1.58 1.92
CA THR E 87 9.99 2.58 0.99
C THR E 87 11.03 2.97 -0.05
N TYR E 88 12.28 3.06 0.37
CA TYR E 88 13.36 3.53 -0.49
C TYR E 88 14.20 2.39 -1.04
N PHE E 89 13.79 1.15 -0.79
CA PHE E 89 14.58 0.00 -1.18
C PHE E 89 14.35 -0.41 -2.63
N GLY E 90 13.14 -0.21 -3.13
CA GLY E 90 12.78 -0.59 -4.48
C GLY E 90 13.76 -0.12 -5.53
N PRO E 91 14.08 1.18 -5.53
CA PRO E 91 15.03 1.75 -6.49
C PRO E 91 16.40 1.10 -6.46
N ILE E 92 16.87 0.73 -5.26
CA ILE E 92 18.14 0.05 -5.13
C ILE E 92 18.06 -1.32 -5.80
N LEU E 93 16.96 -2.01 -5.55
CA LEU E 93 16.75 -3.33 -6.10
C LEU E 93 16.57 -3.25 -7.60
N ASN E 94 15.90 -2.20 -8.06
CA ASN E 94 15.72 -1.99 -9.49
C ASN E 94 17.03 -1.65 -10.19
N PHE E 95 17.92 -0.96 -9.50
CA PHE E 95 19.23 -0.66 -10.05
C PHE E 95 20.00 -1.95 -10.27
N LEU E 96 19.94 -2.85 -9.29
CA LEU E 96 20.63 -4.12 -9.38
C LEU E 96 20.05 -4.98 -10.49
N ARG E 97 18.82 -4.69 -10.88
CA ARG E 97 18.14 -5.44 -11.94
C ARG E 97 18.57 -4.98 -13.32
N HIS E 98 18.30 -3.71 -13.63
CA HIS E 98 18.52 -3.18 -14.97
C HIS E 98 19.59 -2.10 -15.03
N GLY E 99 20.31 -1.92 -13.91
CA GLY E 99 21.46 -1.04 -13.91
C GLY E 99 21.16 0.45 -13.99
N LYS E 100 19.88 0.81 -14.02
CA LYS E 100 19.45 2.19 -14.15
C LYS E 100 18.81 2.71 -12.87
N LEU E 101 18.81 4.03 -12.71
CA LEU E 101 18.20 4.69 -11.56
C LEU E 101 16.88 5.36 -11.95
N VAL E 102 15.78 4.90 -11.35
CA VAL E 102 14.46 5.42 -11.66
C VAL E 102 13.73 5.80 -10.37
N LEU E 103 13.28 7.05 -10.29
CA LEU E 103 12.57 7.56 -9.13
C LEU E 103 11.27 8.25 -9.52
N ASP E 104 10.23 8.06 -8.72
CA ASP E 104 8.99 8.80 -8.90
C ASP E 104 9.19 10.22 -8.39
N LYS E 105 8.26 11.11 -8.75
CA LYS E 105 8.40 12.53 -8.44
C LYS E 105 8.47 12.79 -6.93
N ASP E 106 7.65 12.09 -6.15
CA ASP E 106 7.50 12.39 -4.73
C ASP E 106 8.60 11.81 -3.85
N MET E 107 9.33 10.83 -4.35
CA MET E 107 10.32 10.15 -3.53
C MET E 107 11.54 11.02 -3.27
N ALA E 108 11.90 11.14 -2.00
CA ALA E 108 13.06 11.92 -1.60
C ALA E 108 14.35 11.23 -2.02
N GLU E 109 15.17 11.96 -2.77
CA GLU E 109 16.43 11.42 -3.26
C GLU E 109 17.42 11.22 -2.12
N GLU E 110 17.19 11.92 -1.01
CA GLU E 110 18.02 11.79 0.18
C GLU E 110 17.81 10.42 0.82
N GLY E 111 16.57 9.95 0.81
CA GLY E 111 16.22 8.66 1.39
C GLY E 111 16.83 7.51 0.63
N VAL E 112 16.87 7.62 -0.69
CA VAL E 112 17.47 6.60 -1.52
C VAL E 112 18.99 6.61 -1.34
N LEU E 113 19.55 7.80 -1.21
CA LEU E 113 20.99 7.94 -1.01
C LEU E 113 21.43 7.25 0.28
N GLU E 114 20.68 7.49 1.34
CA GLU E 114 21.01 6.94 2.65
C GLU E 114 21.07 5.42 2.61
N GLU E 115 20.12 4.81 1.90
CA GLU E 115 20.06 3.37 1.80
C GLU E 115 21.17 2.83 0.91
N ALA E 116 21.39 3.49 -0.23
CA ALA E 116 22.44 3.09 -1.15
C ALA E 116 23.79 3.09 -0.45
N GLU E 117 23.97 4.03 0.46
CA GLU E 117 25.21 4.11 1.23
C GLU E 117 25.30 2.98 2.24
N PHE E 118 24.18 2.63 2.86
CA PHE E 118 24.14 1.56 3.84
C PHE E 118 24.52 0.23 3.20
N TYR E 119 23.82 -0.13 2.13
CA TYR E 119 24.12 -1.36 1.42
C TYR E 119 25.47 -1.27 0.72
N ASN E 120 25.94 -0.03 0.56
CA ASN E 120 27.26 0.23 -0.02
C ASN E 120 27.39 -0.27 -1.46
N ILE E 121 26.67 0.38 -2.37
CA ILE E 121 26.83 0.16 -3.79
C ILE E 121 27.45 1.40 -4.42
N GLY E 122 28.76 1.39 -4.57
CA GLY E 122 29.51 2.54 -5.05
C GLY E 122 28.94 3.19 -6.29
N PRO E 123 28.80 2.42 -7.37
CA PRO E 123 28.28 2.94 -8.65
C PRO E 123 26.97 3.68 -8.47
N LEU E 124 26.07 3.12 -7.68
CA LEU E 124 24.76 3.72 -7.45
C LEU E 124 24.88 5.01 -6.67
N ILE E 125 25.69 4.99 -5.61
CA ILE E 125 25.92 6.18 -4.80
C ILE E 125 26.40 7.34 -5.66
N ARG E 126 27.28 7.04 -6.61
CA ARG E 126 27.78 8.05 -7.52
C ARG E 126 26.65 8.58 -8.38
N ILE E 127 25.88 7.67 -8.97
CA ILE E 127 24.74 8.04 -9.82
C ILE E 127 23.75 8.93 -9.08
N ILE E 128 23.48 8.60 -7.83
CA ILE E 128 22.53 9.37 -7.03
C ILE E 128 23.07 10.78 -6.79
N LYS E 129 24.30 10.87 -6.32
CA LYS E 129 24.93 12.15 -6.04
C LYS E 129 24.98 13.02 -7.30
N ASP E 130 25.18 12.39 -8.45
CA ASP E 130 25.20 13.10 -9.72
C ASP E 130 23.85 13.73 -10.02
N ARG E 131 22.78 13.00 -9.69
CA ARG E 131 21.43 13.48 -9.95
C ARG E 131 21.03 14.60 -9.00
N MET E 132 21.62 14.59 -7.81
CA MET E 132 21.33 15.62 -6.81
C MET E 132 22.13 16.88 -7.05
N GLU E 133 22.80 16.95 -8.20
CA GLU E 133 23.61 18.10 -8.57
C GLU E 133 23.14 18.68 -9.89
#